data_3G40
#
_entry.id   3G40
#
_cell.length_a   68.045
_cell.length_b   68.045
_cell.length_c   137.025
_cell.angle_alpha   90.000
_cell.angle_beta   90.000
_cell.angle_gamma   120.000
#
_symmetry.space_group_name_H-M   'P 32 2 1'
#
loop_
_entity.id
_entity.type
_entity.pdbx_description
1 polymer 'Na-K-Cl cotransporter'
2 water water
#
_entity_poly.entity_id   1
_entity_poly.type   'polypeptide(L)'
_entity_poly.pdbx_seq_one_letter_code
;MEWAAKKTNSLTSSSERTWKANLLVPVEDPRELMGTFDFLRDITYPKGSVKLLGLAGNTDKENLLSQLPSISEGFQEEGV
FSSWTIIDTAEFEENLVVGMEALTGSFFRPSILFLRLPENRDRDEEIREIIRKASMYRMGVLLFSKHPQAGLGRQNLINL
WIENRGLDWDISMELGNMDLALLIAYKLKSNWKASLSFMTFAPTAIQAQAAENFLQSLAELARIPNVKMQVLRENPIKSS
KLPFASLHIFSLDPNPDLDLARHLMEKAGSSCIFALDSGEENALALLEHHHHHH
;
_entity_poly.pdbx_strand_id   A
#
# COMPACT_ATOMS: atom_id res chain seq x y z
N TRP A 19 -13.18 -6.45 5.00
CA TRP A 19 -11.74 -6.66 4.83
C TRP A 19 -10.95 -6.09 5.99
N LYS A 20 -9.96 -6.85 6.44
CA LYS A 20 -9.13 -6.42 7.54
C LYS A 20 -7.66 -6.58 7.18
N ALA A 21 -6.96 -5.47 7.15
CA ALA A 21 -5.55 -5.49 6.85
C ALA A 21 -4.82 -5.87 8.14
N ASN A 22 -3.97 -6.89 8.05
CA ASN A 22 -3.08 -7.25 9.15
C ASN A 22 -1.63 -6.99 8.70
N LEU A 23 -1.03 -5.93 9.22
CA LEU A 23 0.28 -5.49 8.75
C LEU A 23 1.41 -6.05 9.60
N LEU A 24 2.50 -6.42 8.96
CA LEU A 24 3.77 -6.64 9.66
C LEU A 24 4.63 -5.42 9.36
N VAL A 25 5.00 -4.71 10.41
CA VAL A 25 5.71 -3.44 10.25
C VAL A 25 7.10 -3.50 10.93
N PRO A 26 8.15 -3.64 10.13
CA PRO A 26 9.49 -3.57 10.73
C PRO A 26 9.77 -2.16 11.22
N VAL A 27 10.39 -2.05 12.40
CA VAL A 27 10.71 -0.77 12.98
C VAL A 27 12.18 -0.74 13.43
N GLU A 28 12.96 0.16 12.85
CA GLU A 28 14.32 0.38 13.31
C GLU A 28 14.38 1.66 14.12
N ASP A 29 13.56 2.63 13.73
CA ASP A 29 13.57 3.95 14.34
C ASP A 29 12.16 4.31 14.75
N PRO A 30 11.91 4.43 16.06
CA PRO A 30 10.56 4.65 16.59
C PRO A 30 9.98 6.00 16.18
N ARG A 31 10.84 6.96 15.84
CA ARG A 31 10.39 8.27 15.38
C ARG A 31 9.72 8.18 14.02
N GLU A 32 10.26 7.34 13.13
CA GLU A 32 9.62 7.08 11.84
C GLU A 32 8.27 6.41 12.07
N LEU A 33 8.23 5.46 12.99
CA LEU A 33 6.97 4.82 13.33
C LEU A 33 5.95 5.87 13.82
N MET A 34 6.37 6.76 14.72
CA MET A 34 5.46 7.79 15.23
C MET A 34 4.95 8.64 14.05
N GLY A 35 5.82 8.89 13.09
CA GLY A 35 5.44 9.72 11.94
C GLY A 35 4.47 9.02 10.99
N THR A 36 4.36 7.70 11.13
CA THR A 36 3.53 6.88 10.25
C THR A 36 2.34 6.29 10.99
N PHE A 37 2.29 6.47 12.31
CA PHE A 37 1.24 5.86 13.12
C PHE A 37 -0.18 6.07 12.55
N ASP A 38 -0.53 7.32 12.26
CA ASP A 38 -1.91 7.60 11.86
C ASP A 38 -2.27 6.93 10.54
N PHE A 39 -1.29 6.86 9.66
CA PHE A 39 -1.48 6.26 8.35
C PHE A 39 -1.63 4.75 8.50
N LEU A 40 -0.79 4.13 9.33
CA LEU A 40 -0.93 2.71 9.59
C LEU A 40 -2.31 2.46 10.19
N ARG A 41 -2.73 3.35 11.10
CA ARG A 41 -4.06 3.22 11.69
C ARG A 41 -5.18 3.35 10.61
N ASP A 42 -5.03 4.31 9.71
CA ASP A 42 -6.02 4.53 8.64
C ASP A 42 -6.13 3.33 7.71
N ILE A 43 -5.03 2.59 7.55
CA ILE A 43 -5.06 1.39 6.72
C ILE A 43 -5.77 0.23 7.41
N THR A 44 -5.67 0.18 8.74
CA THR A 44 -6.11 -1.00 9.51
C THR A 44 -7.43 -0.84 10.27
N TYR A 45 -7.85 0.40 10.51
CA TYR A 45 -9.10 0.65 11.24
C TYR A 45 -10.34 0.34 10.40
N PRO A 46 -11.33 -0.36 11.00
CA PRO A 46 -11.33 -0.91 12.35
C PRO A 46 -11.02 -2.40 12.34
N LYS A 47 -10.52 -2.90 13.47
CA LYS A 47 -10.33 -4.33 13.71
C LYS A 47 -9.32 -5.01 12.77
N GLY A 48 -8.58 -4.22 11.99
CA GLY A 48 -7.39 -4.73 11.33
C GLY A 48 -6.31 -4.93 12.41
N SER A 49 -5.07 -5.18 12.02
CA SER A 49 -4.02 -5.28 13.05
C SER A 49 -2.65 -4.82 12.59
N VAL A 50 -1.81 -4.48 13.57
CA VAL A 50 -0.45 -4.04 13.32
C VAL A 50 0.53 -4.78 14.25
N LYS A 51 1.42 -5.56 13.66
CA LYS A 51 2.51 -6.19 14.41
C LYS A 51 3.79 -5.39 14.24
N LEU A 52 4.28 -4.82 15.35
CA LEU A 52 5.51 -4.07 15.31
C LEU A 52 6.69 -5.01 15.50
N LEU A 53 7.53 -5.12 14.47
CA LEU A 53 8.71 -5.98 14.51
C LEU A 53 9.94 -5.10 14.69
N GLY A 54 10.36 -4.97 15.94
CA GLY A 54 11.48 -4.13 16.29
C GLY A 54 12.79 -4.75 15.91
N LEU A 55 13.59 -4.02 15.14
CA LEU A 55 14.89 -4.50 14.71
C LEU A 55 16.00 -3.72 15.44
N ALA A 56 16.58 -4.39 16.43
CA ALA A 56 17.71 -3.90 17.22
C ALA A 56 17.51 -2.49 17.78
N ASP A 60 20.33 -1.88 21.24
CA ASP A 60 19.05 -1.18 21.22
C ASP A 60 19.27 0.30 21.53
N LYS A 61 19.94 1.00 20.62
CA LYS A 61 20.28 2.40 20.82
C LYS A 61 19.05 3.30 20.76
N GLU A 62 18.02 2.83 20.04
CA GLU A 62 16.77 3.55 19.91
C GLU A 62 15.83 3.20 21.06
N ASN A 63 16.33 2.34 21.96
CA ASN A 63 15.51 1.80 23.04
C ASN A 63 14.12 1.39 22.58
N LEU A 64 14.07 0.51 21.57
CA LEU A 64 12.81 -0.04 21.11
C LEU A 64 12.05 -0.71 22.25
N LEU A 65 12.77 -1.23 23.24
CA LEU A 65 12.13 -1.96 24.33
C LEU A 65 11.20 -1.06 25.13
N SER A 66 11.55 0.23 25.22
CA SER A 66 10.73 1.20 25.92
C SER A 66 9.59 1.77 25.06
N GLN A 67 9.86 1.97 23.78
CA GLN A 67 8.92 2.68 22.91
C GLN A 67 7.88 1.80 22.21
N LEU A 68 8.29 0.62 21.75
CA LEU A 68 7.37 -0.24 21.01
C LEU A 68 6.13 -0.66 21.79
N PRO A 69 6.30 -1.06 23.06
CA PRO A 69 5.11 -1.46 23.81
C PRO A 69 4.14 -0.31 23.96
N SER A 70 4.64 0.91 24.12
CA SER A 70 3.74 2.06 24.27
C SER A 70 2.99 2.33 22.96
N ILE A 71 3.70 2.21 21.85
CA ILE A 71 3.08 2.50 20.57
C ILE A 71 2.07 1.41 20.25
N SER A 72 2.39 0.17 20.58
CA SER A 72 1.47 -0.94 20.34
C SER A 72 0.16 -0.74 21.14
N GLU A 73 0.29 -0.36 22.40
CA GLU A 73 -0.86 -0.01 23.22
C GLU A 73 -1.64 1.16 22.59
N GLY A 74 -0.92 2.07 21.96
CA GLY A 74 -1.57 3.20 21.30
C GLY A 74 -2.50 2.73 20.20
N PHE A 75 -2.05 1.78 19.39
CA PHE A 75 -2.89 1.23 18.33
C PHE A 75 -4.17 0.67 18.90
N GLN A 76 -4.04 -0.09 19.99
CA GLN A 76 -5.19 -0.70 20.64
C GLN A 76 -6.19 0.35 21.10
N GLU A 77 -5.68 1.42 21.72
CA GLU A 77 -6.50 2.54 22.13
C GLU A 77 -7.25 3.17 20.93
N GLU A 78 -6.65 3.12 19.75
CA GLU A 78 -7.25 3.78 18.59
C GLU A 78 -8.00 2.79 17.70
N GLY A 79 -8.34 1.64 18.27
CA GLY A 79 -9.26 0.70 17.67
C GLY A 79 -8.66 -0.32 16.71
N VAL A 80 -7.36 -0.53 16.80
CA VAL A 80 -6.67 -1.48 15.93
C VAL A 80 -5.95 -2.51 16.81
N PHE A 81 -6.03 -3.78 16.45
CA PHE A 81 -5.33 -4.81 17.25
C PHE A 81 -3.83 -4.66 17.02
N SER A 82 -3.02 -5.01 18.04
CA SER A 82 -1.61 -4.80 17.89
C SER A 82 -0.78 -5.72 18.80
N SER A 83 0.43 -6.00 18.34
CA SER A 83 1.39 -6.74 19.15
C SER A 83 2.78 -6.24 18.76
N TRP A 84 3.80 -6.61 19.51
CA TRP A 84 5.13 -6.14 19.21
C TRP A 84 6.11 -7.22 19.62
N THR A 85 7.25 -7.25 18.95
CA THR A 85 8.35 -8.11 19.40
C THR A 85 9.62 -7.35 19.06
N ILE A 86 10.73 -7.77 19.64
CA ILE A 86 12.01 -7.16 19.31
C ILE A 86 13.02 -8.18 18.80
N ILE A 87 13.55 -7.88 17.61
CA ILE A 87 14.46 -8.72 16.85
C ILE A 87 14.03 -10.18 16.73
N GLU A 93 17.89 -7.88 7.57
CA GLU A 93 17.10 -8.53 6.52
C GLU A 93 16.79 -9.98 6.85
N GLU A 94 17.75 -10.68 7.45
CA GLU A 94 17.51 -12.07 7.87
C GLU A 94 16.44 -12.10 8.95
N ASN A 95 16.37 -11.03 9.74
CA ASN A 95 15.37 -10.92 10.78
C ASN A 95 13.94 -10.74 10.23
N LEU A 96 13.81 -10.10 9.07
CA LEU A 96 12.48 -9.95 8.47
C LEU A 96 11.93 -11.30 8.01
N VAL A 97 12.81 -12.14 7.48
CA VAL A 97 12.41 -13.46 7.03
C VAL A 97 11.89 -14.29 8.21
N VAL A 98 12.63 -14.28 9.31
CA VAL A 98 12.20 -14.93 10.53
C VAL A 98 10.88 -14.32 11.01
N GLY A 99 10.80 -13.00 10.96
CA GLY A 99 9.59 -12.30 11.34
C GLY A 99 8.37 -12.83 10.62
N MET A 100 8.47 -12.93 9.29
CA MET A 100 7.38 -13.43 8.47
C MET A 100 7.16 -14.93 8.66
N GLU A 101 8.27 -15.66 8.80
CA GLU A 101 8.20 -17.11 9.01
C GLU A 101 7.41 -17.41 10.27
N ALA A 102 7.60 -16.59 11.29
CA ALA A 102 6.95 -16.80 12.58
C ALA A 102 5.43 -16.58 12.49
N LEU A 103 5.02 -15.78 11.52
CA LEU A 103 3.60 -15.45 11.33
C LEU A 103 2.75 -16.66 10.95
N THR A 104 3.36 -17.66 10.31
CA THR A 104 2.65 -18.81 9.75
C THR A 104 1.25 -19.10 10.27
N GLY A 105 1.15 -19.66 11.47
CA GLY A 105 -0.13 -20.11 12.00
C GLY A 105 -0.76 -19.18 13.01
N SER A 106 -0.34 -17.92 13.00
CA SER A 106 -0.80 -16.95 13.98
C SER A 106 -2.27 -16.59 13.75
N PHE A 107 -2.93 -16.08 14.77
CA PHE A 107 -4.35 -15.77 14.63
C PHE A 107 -4.60 -14.69 13.59
N PHE A 108 -3.84 -13.60 13.66
CA PHE A 108 -4.20 -12.48 12.82
C PHE A 108 -3.96 -12.76 11.34
N ARG A 109 -5.09 -13.06 10.70
CA ARG A 109 -5.25 -13.65 9.37
C ARG A 109 -4.24 -13.20 8.29
N PRO A 110 -4.56 -13.37 6.99
CA PRO A 110 -3.60 -12.93 5.99
C PRO A 110 -2.81 -11.70 6.44
N SER A 111 -1.50 -11.74 6.24
CA SER A 111 -0.64 -10.65 6.65
C SER A 111 -0.17 -9.87 5.43
N ILE A 112 0.16 -8.60 5.65
CA ILE A 112 0.75 -7.72 4.63
C ILE A 112 2.01 -7.07 5.20
N LEU A 113 3.11 -7.13 4.46
CA LEU A 113 4.34 -6.49 4.89
C LEU A 113 4.36 -5.00 4.51
N PHE A 114 4.52 -4.13 5.51
CA PHE A 114 4.57 -2.68 5.28
C PHE A 114 5.99 -2.14 5.33
N LEU A 115 6.47 -1.64 4.18
CA LEU A 115 7.83 -1.13 4.07
C LEU A 115 7.83 0.32 3.66
N ARG A 116 8.80 1.05 4.20
CA ARG A 116 9.03 2.42 3.81
C ARG A 116 10.09 2.42 2.72
N LEU A 117 9.88 3.24 1.69
CA LEU A 117 10.87 3.41 0.63
C LEU A 117 11.74 4.62 1.01
N PRO A 118 12.98 4.36 1.41
CA PRO A 118 13.85 5.46 1.85
C PRO A 118 14.32 6.32 0.68
N GLU A 119 14.76 7.54 0.97
CA GLU A 119 15.39 8.39 -0.04
C GLU A 119 16.75 7.83 -0.46
N ASN A 120 17.54 7.35 0.50
CA ASN A 120 18.83 6.76 0.17
C ASN A 120 18.70 5.34 -0.40
N ARG A 121 19.45 5.07 -1.46
CA ARG A 121 19.33 3.82 -2.20
C ARG A 121 20.16 2.67 -1.60
N ASP A 122 20.81 2.94 -0.48
CA ASP A 122 21.74 1.99 0.13
C ASP A 122 21.13 0.62 0.41
N ARG A 123 19.81 0.53 0.45
CA ARG A 123 19.15 -0.69 0.86
C ARG A 123 18.30 -1.34 -0.21
N ASP A 124 18.34 -0.78 -1.41
CA ASP A 124 17.42 -1.23 -2.45
C ASP A 124 17.49 -2.73 -2.70
N GLU A 125 18.69 -3.29 -2.66
CA GLU A 125 18.82 -4.72 -2.92
C GLU A 125 18.14 -5.58 -1.85
N GLU A 126 18.41 -5.28 -0.59
CA GLU A 126 17.76 -6.00 0.51
C GLU A 126 16.24 -5.81 0.42
N ILE A 127 15.82 -4.57 0.21
CA ILE A 127 14.41 -4.25 0.08
C ILE A 127 13.76 -5.09 -1.02
N ARG A 128 14.40 -5.12 -2.19
CA ARG A 128 13.92 -5.92 -3.30
C ARG A 128 13.85 -7.40 -2.92
N GLU A 129 14.87 -7.87 -2.20
CA GLU A 129 14.92 -9.26 -1.78
C GLU A 129 13.80 -9.57 -0.80
N ILE A 130 13.55 -8.64 0.12
CA ILE A 130 12.47 -8.77 1.09
C ILE A 130 11.14 -8.88 0.36
N ILE A 131 10.93 -7.98 -0.60
CA ILE A 131 9.72 -7.95 -1.41
C ILE A 131 9.49 -9.27 -2.15
N ARG A 132 10.56 -9.79 -2.73
CA ARG A 132 10.50 -11.06 -3.46
C ARG A 132 10.13 -12.21 -2.51
N LYS A 133 10.73 -12.20 -1.32
CA LYS A 133 10.50 -13.22 -0.30
C LYS A 133 9.09 -13.20 0.29
N ALA A 134 8.48 -12.03 0.37
CA ALA A 134 7.19 -11.88 1.04
C ALA A 134 6.11 -12.74 0.41
N SER A 135 6.19 -12.88 -0.92
CA SER A 135 5.21 -13.68 -1.66
C SER A 135 5.28 -15.14 -1.24
N MET A 136 6.49 -15.60 -0.93
CA MET A 136 6.70 -16.98 -0.51
C MET A 136 5.90 -17.32 0.74
N TYR A 137 5.74 -16.35 1.63
CA TYR A 137 5.00 -16.57 2.87
C TYR A 137 3.53 -16.15 2.74
N ARG A 138 3.00 -16.22 1.53
CA ARG A 138 1.62 -15.80 1.27
C ARG A 138 1.34 -14.38 1.77
N MET A 139 2.31 -13.48 1.58
CA MET A 139 2.14 -12.11 2.04
C MET A 139 2.06 -11.06 0.94
N GLY A 140 1.14 -10.12 1.09
CA GLY A 140 1.12 -8.93 0.26
C GLY A 140 2.18 -7.97 0.76
N VAL A 141 2.53 -6.99 -0.08
CA VAL A 141 3.49 -5.97 0.31
C VAL A 141 2.94 -4.58 0.02
N LEU A 142 3.07 -3.67 0.99
CA LEU A 142 2.80 -2.27 0.77
C LEU A 142 4.11 -1.52 0.88
N LEU A 143 4.48 -0.79 -0.17
CA LEU A 143 5.71 -0.02 -0.13
C LEU A 143 5.36 1.48 -0.18
N PHE A 144 5.69 2.17 0.90
CA PHE A 144 5.23 3.54 1.08
C PHE A 144 6.31 4.57 0.79
N SER A 145 6.02 5.50 -0.13
CA SER A 145 6.99 6.52 -0.49
C SER A 145 6.41 7.87 -0.10
N LYS A 146 6.68 8.30 1.11
CA LYS A 146 6.08 9.51 1.64
C LYS A 146 6.82 10.73 1.14
N HIS A 147 6.09 11.68 0.57
CA HIS A 147 6.74 12.86 0.03
C HIS A 147 7.32 13.71 1.16
N PRO A 148 8.60 14.09 1.04
CA PRO A 148 9.35 14.73 2.13
C PRO A 148 8.84 16.12 2.48
N GLN A 149 8.09 16.75 1.57
CA GLN A 149 7.50 18.07 1.86
C GLN A 149 6.00 17.97 2.06
N ALA A 150 5.30 17.33 1.13
CA ALA A 150 3.85 17.28 1.15
C ALA A 150 3.29 16.28 2.15
N GLY A 151 4.07 15.27 2.53
CA GLY A 151 3.53 14.19 3.35
C GLY A 151 2.24 13.70 2.69
N LEU A 152 1.18 13.51 3.49
CA LEU A 152 -0.09 13.06 2.94
C LEU A 152 -0.99 14.25 2.67
N GLY A 153 -0.45 15.45 2.81
CA GLY A 153 -1.17 16.65 2.39
C GLY A 153 -2.49 16.79 3.11
N ARG A 154 -3.54 17.08 2.36
CA ARG A 154 -4.86 17.25 2.97
C ARG A 154 -5.62 15.93 3.12
N GLN A 155 -5.03 14.82 2.68
CA GLN A 155 -5.71 13.51 2.71
C GLN A 155 -7.15 13.61 2.17
N ASN A 156 -7.32 14.31 1.05
CA ASN A 156 -8.66 14.51 0.53
C ASN A 156 -8.84 13.99 -0.90
N LEU A 157 -7.75 13.58 -1.53
CA LEU A 157 -7.82 13.06 -2.89
C LEU A 157 -6.93 11.84 -3.03
N ILE A 158 -7.50 10.75 -3.53
CA ILE A 158 -6.77 9.51 -3.75
C ILE A 158 -6.91 9.12 -5.22
N ASN A 159 -5.80 8.79 -5.87
CA ASN A 159 -5.84 8.20 -7.22
C ASN A 159 -5.42 6.74 -7.13
N LEU A 160 -6.22 5.85 -7.69
CA LEU A 160 -5.80 4.45 -7.83
C LEU A 160 -5.42 4.26 -9.30
N TRP A 161 -4.14 3.98 -9.55
CA TRP A 161 -3.64 3.76 -10.90
C TRP A 161 -3.77 2.30 -11.29
N ILE A 162 -4.53 2.07 -12.35
CA ILE A 162 -4.79 0.72 -12.81
C ILE A 162 -4.02 0.47 -14.10
N GLU A 163 -3.17 -0.56 -14.07
CA GLU A 163 -2.26 -0.85 -15.17
C GLU A 163 -3.01 -1.21 -16.45
N ASN A 164 -2.45 -0.80 -17.59
CA ASN A 164 -3.04 -1.14 -18.88
C ASN A 164 -3.27 -2.64 -18.95
N ARG A 165 -4.52 -3.03 -19.21
CA ARG A 165 -4.87 -4.44 -19.28
C ARG A 165 -5.05 -4.93 -20.72
N TRP A 169 -9.68 -6.12 -21.03
CA TRP A 169 -10.37 -5.19 -20.13
C TRP A 169 -11.73 -5.72 -19.64
N ASP A 170 -11.98 -7.01 -19.82
CA ASP A 170 -13.17 -7.60 -19.22
C ASP A 170 -12.88 -7.97 -17.77
N ILE A 171 -13.91 -7.98 -16.94
CA ILE A 171 -13.74 -8.19 -15.50
C ILE A 171 -13.85 -9.65 -15.08
N SER A 172 -12.72 -10.24 -14.74
CA SER A 172 -12.70 -11.54 -14.08
C SER A 172 -12.40 -11.29 -12.61
N MET A 173 -12.93 -12.13 -11.73
CA MET A 173 -12.59 -12.02 -10.31
C MET A 173 -11.07 -11.94 -10.21
N GLU A 174 -10.40 -12.66 -11.12
CA GLU A 174 -8.95 -12.58 -11.27
C GLU A 174 -8.55 -11.21 -11.81
N LEU A 175 -8.42 -10.25 -10.90
CA LEU A 175 -8.00 -8.90 -11.28
C LEU A 175 -6.50 -8.88 -11.56
N GLY A 176 -5.81 -9.94 -11.15
CA GLY A 176 -4.37 -9.98 -11.25
C GLY A 176 -3.76 -9.12 -10.16
N ASN A 177 -2.60 -8.55 -10.40
CA ASN A 177 -1.88 -7.83 -9.35
C ASN A 177 -2.44 -6.44 -9.06
N MET A 178 -3.67 -6.38 -8.54
CA MET A 178 -4.26 -5.09 -8.18
C MET A 178 -5.29 -5.20 -7.06
N ASP A 179 -5.45 -6.39 -6.49
CA ASP A 179 -6.45 -6.56 -5.44
C ASP A 179 -6.14 -5.75 -4.19
N LEU A 180 -4.88 -5.80 -3.73
CA LEU A 180 -4.46 -5.07 -2.54
C LEU A 180 -4.56 -3.56 -2.81
N ALA A 181 -4.14 -3.13 -4.00
CA ALA A 181 -4.25 -1.73 -4.38
C ALA A 181 -5.69 -1.22 -4.25
N LEU A 182 -6.64 -1.97 -4.79
CA LEU A 182 -8.06 -1.61 -4.72
C LEU A 182 -8.58 -1.57 -3.29
N LEU A 183 -8.22 -2.58 -2.49
CA LEU A 183 -8.68 -2.64 -1.10
C LEU A 183 -8.16 -1.48 -0.28
N ILE A 184 -6.89 -1.12 -0.50
CA ILE A 184 -6.31 0.02 0.18
C ILE A 184 -6.98 1.34 -0.27
N ALA A 185 -7.27 1.45 -1.57
CA ALA A 185 -7.97 2.63 -2.09
C ALA A 185 -9.32 2.79 -1.39
N TYR A 186 -10.07 1.71 -1.30
CA TYR A 186 -11.38 1.75 -0.67
C TYR A 186 -11.30 2.06 0.83
N LYS A 187 -10.35 1.39 1.50
CA LYS A 187 -10.16 1.61 2.94
C LYS A 187 -9.81 3.08 3.26
N LEU A 188 -8.86 3.65 2.51
CA LEU A 188 -8.45 5.02 2.76
C LEU A 188 -9.52 5.99 2.31
N LYS A 189 -10.18 5.69 1.20
CA LYS A 189 -11.32 6.54 0.83
C LYS A 189 -12.26 6.64 2.03
N SER A 190 -12.52 5.50 2.65
CA SER A 190 -13.51 5.46 3.71
C SER A 190 -12.99 6.13 5.01
N ASN A 191 -11.76 5.81 5.41
CA ASN A 191 -11.22 6.37 6.65
C ASN A 191 -10.86 7.87 6.58
N TRP A 192 -10.40 8.33 5.42
CA TRP A 192 -10.10 9.76 5.20
C TRP A 192 -11.34 10.56 4.79
N LYS A 193 -12.39 9.86 4.37
CA LYS A 193 -13.54 10.52 3.74
C LYS A 193 -13.04 11.39 2.60
N ALA A 194 -12.17 10.81 1.78
CA ALA A 194 -11.55 11.46 0.65
C ALA A 194 -12.29 11.13 -0.65
N SER A 195 -12.03 11.89 -1.71
CA SER A 195 -12.53 11.55 -3.04
C SER A 195 -11.58 10.58 -3.73
N LEU A 196 -12.13 9.59 -4.43
CA LEU A 196 -11.34 8.57 -5.09
C LEU A 196 -11.49 8.64 -6.59
N SER A 197 -10.37 8.57 -7.32
CA SER A 197 -10.41 8.47 -8.79
C SER A 197 -9.67 7.23 -9.24
N PHE A 198 -10.19 6.60 -10.31
CA PHE A 198 -9.48 5.52 -10.97
C PHE A 198 -8.79 6.11 -12.20
N MET A 199 -7.49 5.87 -12.30
CA MET A 199 -6.67 6.38 -13.40
C MET A 199 -6.09 5.22 -14.22
N THR A 200 -6.16 5.32 -15.54
CA THR A 200 -5.48 4.34 -16.37
C THR A 200 -5.02 4.99 -17.67
N PHE A 201 -4.47 4.20 -18.59
CA PHE A 201 -3.99 4.74 -19.86
C PHE A 201 -4.26 3.72 -20.96
N ALA A 202 -4.31 4.19 -22.21
CA ALA A 202 -4.62 3.33 -23.33
C ALA A 202 -3.98 3.92 -24.59
N PRO A 203 -3.48 3.05 -25.48
CA PRO A 203 -2.79 3.39 -26.73
C PRO A 203 -3.76 3.76 -27.85
N THR A 204 -4.95 3.16 -27.84
CA THR A 204 -5.89 3.33 -28.95
C THR A 204 -7.29 3.68 -28.46
N ALA A 205 -8.13 4.16 -29.37
CA ALA A 205 -9.51 4.50 -29.04
C ALA A 205 -10.27 3.27 -28.55
N ILE A 206 -10.10 2.15 -29.26
CA ILE A 206 -10.75 0.90 -28.87
C ILE A 206 -10.33 0.45 -27.47
N GLN A 207 -9.04 0.57 -27.16
CA GLN A 207 -8.57 0.23 -25.83
C GLN A 207 -9.03 1.25 -24.79
N ALA A 208 -9.08 2.52 -25.18
CA ALA A 208 -9.50 3.56 -24.25
C ALA A 208 -10.95 3.32 -23.83
N GLN A 209 -11.81 3.02 -24.81
CA GLN A 209 -13.21 2.72 -24.54
C GLN A 209 -13.33 1.51 -23.62
N ALA A 210 -12.58 0.46 -23.91
CA ALA A 210 -12.63 -0.73 -23.08
C ALA A 210 -12.18 -0.43 -21.63
N ALA A 211 -11.21 0.46 -21.48
CA ALA A 211 -10.70 0.80 -20.17
C ALA A 211 -11.73 1.61 -19.40
N GLU A 212 -12.40 2.52 -20.09
CA GLU A 212 -13.50 3.26 -19.50
C GLU A 212 -14.60 2.32 -18.99
N ASN A 213 -14.97 1.36 -19.75
CA ASN A 213 -15.99 0.49 -19.40
C ASN A 213 -15.53 -0.41 -18.24
N PHE A 214 -14.31 -0.85 -18.28
CA PHE A 214 -13.76 -1.66 -17.19
C PHE A 214 -13.79 -0.91 -15.87
N LEU A 215 -13.32 0.34 -15.86
CA LEU A 215 -13.32 1.16 -14.65
C LEU A 215 -14.72 1.41 -14.09
N GLN A 216 -15.68 1.71 -14.97
CA GLN A 216 -17.06 1.90 -14.53
C GLN A 216 -17.60 0.59 -13.92
N SER A 217 -17.24 -0.53 -14.51
CA SER A 217 -17.71 -1.83 -14.03
C SER A 217 -17.11 -2.18 -12.67
N LEU A 218 -15.83 -1.87 -12.52
CA LEU A 218 -15.11 -2.11 -11.27
C LEU A 218 -15.77 -1.31 -10.15
N ALA A 219 -16.01 -0.04 -10.38
CA ALA A 219 -16.66 0.81 -9.38
C ALA A 219 -18.05 0.29 -9.04
N GLU A 220 -18.78 -0.11 -10.08
CA GLU A 220 -20.14 -0.60 -9.88
C GLU A 220 -20.17 -1.93 -9.12
N LEU A 221 -19.29 -2.86 -9.47
CA LEU A 221 -19.21 -4.15 -8.78
C LEU A 221 -18.74 -4.01 -7.34
N ALA A 222 -17.74 -3.15 -7.14
CA ALA A 222 -17.13 -2.95 -5.83
C ALA A 222 -18.01 -2.07 -4.96
N ARG A 223 -19.06 -1.53 -5.58
CA ARG A 223 -20.03 -0.71 -4.87
C ARG A 223 -19.38 0.50 -4.21
N ILE A 224 -18.40 1.09 -4.89
CA ILE A 224 -17.77 2.32 -4.41
C ILE A 224 -18.43 3.46 -5.16
N PRO A 225 -19.11 4.37 -4.43
CA PRO A 225 -19.84 5.49 -5.02
C PRO A 225 -18.93 6.69 -5.27
N ASN A 226 -19.35 7.54 -6.22
CA ASN A 226 -18.69 8.81 -6.49
C ASN A 226 -17.23 8.69 -6.92
N VAL A 227 -16.91 7.59 -7.61
CA VAL A 227 -15.57 7.39 -8.17
C VAL A 227 -15.47 8.06 -9.55
N LYS A 228 -14.44 8.86 -9.75
CA LYS A 228 -14.20 9.50 -11.05
C LYS A 228 -13.20 8.72 -11.86
N MET A 229 -13.45 8.55 -13.15
CA MET A 229 -12.59 7.76 -14.02
C MET A 229 -11.82 8.66 -14.99
N GLN A 230 -10.52 8.41 -15.12
CA GLN A 230 -9.74 9.06 -16.17
C GLN A 230 -8.99 8.01 -16.98
N VAL A 231 -9.16 8.04 -18.29
CA VAL A 231 -8.34 7.22 -19.16
C VAL A 231 -7.39 8.16 -19.89
N LEU A 232 -6.10 8.05 -19.59
CA LEU A 232 -5.10 8.98 -20.10
C LEU A 232 -4.48 8.52 -21.42
N ARG A 233 -3.96 9.49 -22.16
CA ARG A 233 -3.27 9.22 -23.42
C ARG A 233 -1.90 8.61 -23.14
N GLU A 234 -1.28 9.01 -22.05
CA GLU A 234 0.10 8.60 -21.78
C GLU A 234 0.26 7.85 -20.45
N ASN A 235 1.22 6.93 -20.44
CA ASN A 235 1.64 6.22 -19.24
C ASN A 235 2.14 7.20 -18.19
N PRO A 236 1.87 6.92 -16.90
CA PRO A 236 2.32 7.78 -15.81
C PRO A 236 3.84 7.87 -15.71
N ILE A 237 4.54 6.82 -16.15
CA ILE A 237 6.00 6.83 -16.14
C ILE A 237 6.54 7.78 -17.20
N LYS A 238 5.81 7.93 -18.29
CA LYS A 238 6.27 8.72 -19.43
C LYS A 238 5.84 10.19 -19.34
N SER A 239 4.65 10.43 -18.81
CA SER A 239 4.11 11.79 -18.77
C SER A 239 4.98 12.72 -17.92
N SER A 240 4.86 14.02 -18.17
CA SER A 240 5.65 15.00 -17.43
C SER A 240 5.04 15.32 -16.06
N LYS A 241 3.72 15.22 -15.96
CA LYS A 241 3.00 15.53 -14.72
C LYS A 241 1.87 14.53 -14.50
N LEU A 242 1.49 14.34 -13.24
CA LEU A 242 0.37 13.46 -12.91
C LEU A 242 -0.84 14.28 -12.48
N PRO A 243 -2.06 13.74 -12.70
CA PRO A 243 -3.24 14.41 -12.16
C PRO A 243 -3.10 14.42 -10.64
N PHE A 244 -3.44 15.54 -10.01
CA PHE A 244 -3.09 15.72 -8.59
C PHE A 244 -3.87 14.83 -7.62
N ALA A 245 -3.18 14.30 -6.61
CA ALA A 245 -3.84 13.59 -5.50
C ALA A 245 -3.02 13.73 -4.20
N SER A 246 -3.67 13.58 -3.05
CA SER A 246 -2.95 13.50 -1.76
C SER A 246 -2.11 12.25 -1.73
N LEU A 247 -2.64 11.20 -2.33
CA LEU A 247 -1.96 9.91 -2.35
C LEU A 247 -2.27 9.20 -3.65
N HIS A 248 -1.21 8.77 -4.32
CA HIS A 248 -1.33 7.91 -5.50
C HIS A 248 -1.06 6.47 -5.09
N ILE A 249 -2.01 5.57 -5.40
CA ILE A 249 -1.84 4.14 -5.18
C ILE A 249 -1.53 3.46 -6.50
N PHE A 250 -0.41 2.74 -6.56
CA PHE A 250 -0.02 1.97 -7.73
C PHE A 250 0.06 0.49 -7.36
N SER A 251 0.06 -0.38 -8.36
CA SER A 251 0.46 -1.76 -8.12
C SER A 251 1.98 -1.82 -8.08
N LEU A 252 2.52 -2.72 -7.25
CA LEU A 252 3.96 -2.95 -7.15
C LEU A 252 4.34 -4.22 -7.92
N ASP A 253 5.24 -4.09 -8.89
CA ASP A 253 5.72 -5.22 -9.67
C ASP A 253 6.43 -6.18 -8.73
N PRO A 254 6.19 -7.50 -8.89
CA PRO A 254 6.86 -8.53 -8.08
C PRO A 254 8.38 -8.39 -8.11
N ASN A 255 8.88 -7.76 -9.18
CA ASN A 255 10.30 -7.50 -9.37
C ASN A 255 10.46 -6.01 -9.66
N PRO A 256 10.38 -5.19 -8.62
CA PRO A 256 10.15 -3.74 -8.76
C PRO A 256 11.40 -2.94 -9.11
N ASP A 257 11.20 -1.86 -9.86
CA ASP A 257 12.23 -0.85 -10.06
C ASP A 257 11.99 0.25 -9.05
N LEU A 258 12.71 0.18 -7.93
CA LEU A 258 12.53 1.13 -6.82
C LEU A 258 12.84 2.57 -7.21
N ASP A 259 13.68 2.75 -8.22
CA ASP A 259 13.99 4.11 -8.70
C ASP A 259 12.80 4.67 -9.47
N LEU A 260 12.09 3.80 -10.17
CA LEU A 260 10.88 4.19 -10.87
C LEU A 260 9.85 4.64 -9.83
N ALA A 261 9.76 3.91 -8.72
CA ALA A 261 8.83 4.27 -7.65
C ALA A 261 9.17 5.65 -7.10
N ARG A 262 10.46 5.89 -6.86
CA ARG A 262 10.91 7.17 -6.32
C ARG A 262 10.59 8.29 -7.30
N HIS A 263 10.83 8.02 -8.58
CA HIS A 263 10.58 9.02 -9.62
C HIS A 263 9.11 9.41 -9.70
N LEU A 264 8.22 8.44 -9.53
CA LEU A 264 6.80 8.74 -9.57
C LEU A 264 6.41 9.70 -8.44
N MET A 265 6.96 9.46 -7.26
CA MET A 265 6.62 10.30 -6.12
C MET A 265 7.13 11.72 -6.33
N GLU A 266 8.34 11.85 -6.86
CA GLU A 266 8.95 13.15 -7.08
C GLU A 266 8.19 13.95 -8.13
N LYS A 267 7.79 13.26 -9.21
CA LYS A 267 7.03 13.88 -10.29
C LYS A 267 5.64 14.29 -9.82
N ALA A 268 5.02 13.43 -9.02
CA ALA A 268 3.70 13.70 -8.45
C ALA A 268 3.69 14.91 -7.53
N GLY A 269 4.77 15.09 -6.78
CA GLY A 269 4.83 16.15 -5.79
C GLY A 269 3.97 15.79 -4.59
N SER A 270 3.64 14.51 -4.48
CA SER A 270 2.85 14.02 -3.36
C SER A 270 3.15 12.54 -3.09
N SER A 271 2.60 11.99 -2.02
CA SER A 271 2.95 10.63 -1.61
C SER A 271 2.40 9.52 -2.52
N CYS A 272 3.15 8.44 -2.58
CA CYS A 272 2.79 7.27 -3.38
C CYS A 272 2.88 6.02 -2.53
N ILE A 273 1.97 5.09 -2.75
CA ILE A 273 2.08 3.78 -2.12
C ILE A 273 1.93 2.72 -3.20
N PHE A 274 2.74 1.66 -3.10
CA PHE A 274 2.82 0.62 -4.11
C PHE A 274 2.45 -0.72 -3.51
N ALA A 275 1.46 -1.36 -4.11
CA ALA A 275 0.87 -2.56 -3.53
C ALA A 275 1.07 -3.81 -4.38
N LEU A 276 1.73 -4.82 -3.80
CA LEU A 276 1.93 -6.11 -4.45
C LEU A 276 1.03 -7.13 -3.78
N ASP A 277 0.22 -7.82 -4.58
CA ASP A 277 -0.70 -8.84 -4.07
C ASP A 277 0.03 -10.07 -3.57
N SER A 278 -0.60 -10.79 -2.65
CA SER A 278 -0.09 -12.10 -2.24
C SER A 278 -0.49 -13.08 -3.33
N GLY A 279 -1.57 -12.76 -4.02
CA GLY A 279 -2.13 -13.66 -5.01
C GLY A 279 -3.35 -14.38 -4.47
N GLU A 280 -3.56 -14.25 -3.15
CA GLU A 280 -4.67 -14.91 -2.50
C GLU A 280 -5.85 -13.99 -2.24
N GLU A 281 -5.65 -12.68 -2.40
CA GLU A 281 -6.74 -11.73 -2.22
C GLU A 281 -7.72 -11.78 -3.39
N ASN A 282 -9.00 -11.69 -3.08
CA ASN A 282 -10.04 -11.49 -4.08
C ASN A 282 -10.81 -10.25 -3.68
N ALA A 283 -10.34 -9.10 -4.18
CA ALA A 283 -10.87 -7.83 -3.74
C ALA A 283 -12.38 -7.71 -3.94
N LEU A 284 -12.86 -8.08 -5.12
CA LEU A 284 -14.28 -7.92 -5.44
C LEU A 284 -15.15 -8.70 -4.48
N ALA A 285 -14.75 -9.95 -4.22
CA ALA A 285 -15.50 -10.80 -3.30
C ALA A 285 -15.58 -10.19 -1.91
N LEU A 286 -14.54 -9.45 -1.51
CA LEU A 286 -14.63 -8.68 -0.27
C LEU A 286 -15.52 -7.44 -0.48
N LEU A 287 -15.09 -6.55 -1.37
CA LEU A 287 -15.87 -5.34 -1.67
C LEU A 287 -17.22 -5.69 -2.29
#